data_8DO2
#
_entry.id   8DO2
#
_cell.length_a   1.00
_cell.length_b   1.00
_cell.length_c   1.00
_cell.angle_alpha   90.00
_cell.angle_beta   90.00
_cell.angle_gamma   90.00
#
_symmetry.space_group_name_H-M   'P 1'
#
loop_
_entity.id
_entity.type
_entity.pdbx_description
1 polymer 'Protein transport protein Sec61 subunit gamma'
2 polymer 'Protein transport protein Sec61 subunit beta'
3 polymer 'Protein transport protein Sec61 subunit alpha isoform 1'
4 non-polymer 9-benzyl-1,5-bis(4-methylbenzene-1-sulfonyl)-3-methylidene-1,5,9-triazacyclododecane
#
loop_
_entity_poly.entity_id
_entity_poly.type
_entity_poly.pdbx_seq_one_letter_code
_entity_poly.pdbx_strand_id
1 'polypeptide(L)' MDQVMQFVEPSRQFVKDSIRLVKRCTKPDRKEFQKIAMATAIGFAIMGFIGFFVKLIHIPINNIIVGG B
2 'polypeptide(L)'
;MPGPTPSGTNVGSSGRSPSKAVAARAAGSTVRQRKNASCGTRSAGRTTSAGTGGMWRFYTEDSPGLKVGPVPVLVMSLLF
IASVFMLHIWGKYTRS
;
C
3 'polypeptide(L)'
;MAIKFLEVIKPFCVILPEIQKPERKIQFKEKVLWTAITLFIFLVCCQIPLFGIMSSDSADPFYWMRVILASNRGTLMELG
ISPIVTSGLIMQLLAGAKIIEVGDTPKDRALFNGAQKLFGMIITIGQSIVYVMTGMYGDPSEMGAGICLLITIQLFVAGL
IVLLLDELLQKGYGLGSGISLFIATNICETIVWKAFSPTTVNTGRGMEFEGAIIALFHLLATRTDKVRALREAFYRQNLP
NLMNLIATIFVFAVVIYFQGFRYELPIRSTKVRGQIGIYPIKLFYTSNIPIILQSALVSNLYVISQMLSARFSGNLLVSL
LGTWSDTSSGGPARAYPVGGLCYYLSPPESFGSVLEDPVHAVVYIVFMLGSCAFFSKTWIEVSGSSPRDIAKQFKDQGMV
INGKRETSIYRELKKIIPTAAAFGGLCIGALSVLADFLGAIGSGTGILLAVTIIYQYFEIFVKEQSEVGSMGALLF
;
A
#
# COMPACT_ATOMS: atom_id res chain seq x y z
N GLN A 6 23.07 -26.63 -13.71
CA GLN A 6 22.43 -26.42 -15.01
C GLN A 6 21.87 -25.01 -15.12
N PHE A 7 21.85 -24.29 -14.00
CA PHE A 7 21.33 -22.93 -13.95
C PHE A 7 22.40 -21.88 -14.17
N VAL A 8 23.65 -22.28 -14.42
CA VAL A 8 24.73 -21.32 -14.62
C VAL A 8 24.50 -20.53 -15.90
N GLU A 9 24.21 -21.24 -17.00
CA GLU A 9 23.97 -20.56 -18.27
C GLU A 9 22.74 -19.67 -18.26
N PRO A 10 21.57 -20.09 -17.75
CA PRO A 10 20.45 -19.15 -17.65
C PRO A 10 20.76 -17.94 -16.79
N SER A 11 21.48 -18.11 -15.68
CA SER A 11 21.83 -16.98 -14.84
C SER A 11 22.75 -16.01 -15.57
N ARG A 12 23.75 -16.52 -16.29
CA ARG A 12 24.64 -15.66 -17.05
C ARG A 12 23.88 -14.93 -18.15
N GLN A 13 22.96 -15.62 -18.82
CA GLN A 13 22.16 -14.97 -19.87
C GLN A 13 21.29 -13.87 -19.28
N PHE A 14 20.68 -14.12 -18.12
CA PHE A 14 19.87 -13.09 -17.48
C PHE A 14 20.72 -11.90 -17.07
N VAL A 15 21.90 -12.15 -16.53
CA VAL A 15 22.79 -11.05 -16.14
C VAL A 15 23.17 -10.22 -17.35
N LYS A 16 23.52 -10.88 -18.47
CA LYS A 16 23.87 -10.15 -19.68
C LYS A 16 22.70 -9.32 -20.20
N ASP A 17 21.51 -9.92 -20.21
CA ASP A 17 20.33 -9.19 -20.69
C ASP A 17 20.02 -7.99 -19.81
N SER A 18 20.10 -8.17 -18.50
CA SER A 18 19.83 -7.06 -17.59
C SER A 18 20.87 -5.95 -17.75
N ILE A 19 22.14 -6.32 -17.93
CA ILE A 19 23.18 -5.32 -18.11
C ILE A 19 22.95 -4.54 -19.40
N ARG A 20 22.59 -5.21 -20.47
CA ARG A 20 22.36 -4.54 -21.74
C ARG A 20 21.13 -3.70 -21.70
N LEU A 21 20.13 -4.11 -20.96
CA LEU A 21 18.93 -3.31 -20.80
C LEU A 21 19.22 -2.04 -20.02
N VAL A 22 19.95 -2.16 -18.91
CA VAL A 22 20.28 -0.99 -18.09
C VAL A 22 21.15 -0.03 -18.89
N LYS A 23 22.12 -0.55 -19.64
CA LYS A 23 22.94 0.30 -20.49
C LYS A 23 22.10 1.01 -21.55
N ARG A 24 21.06 0.35 -22.05
CA ARG A 24 20.22 0.91 -23.10
C ARG A 24 19.01 1.67 -22.58
N CYS A 25 18.80 1.69 -21.26
CA CYS A 25 17.68 2.45 -20.71
C CYS A 25 17.99 3.95 -20.74
N THR A 26 16.94 4.74 -20.54
CA THR A 26 17.06 6.20 -20.50
C THR A 26 17.10 6.61 -19.03
N LYS A 27 18.30 6.72 -18.49
CA LYS A 27 18.47 7.11 -17.10
C LYS A 27 18.02 8.55 -16.91
N PRO A 28 17.40 8.88 -15.76
CA PRO A 28 17.02 10.27 -15.51
C PRO A 28 18.25 11.16 -15.38
N ASP A 29 18.09 12.40 -15.84
CA ASP A 29 19.11 13.42 -15.65
C ASP A 29 18.75 14.26 -14.42
N ARG A 30 19.51 15.30 -14.15
CA ARG A 30 19.28 16.10 -12.94
C ARG A 30 18.02 16.93 -13.01
N LYS A 31 17.61 17.33 -14.20
CA LYS A 31 16.35 18.05 -14.29
C LYS A 31 15.15 17.13 -14.04
N GLU A 32 15.13 15.97 -14.69
CA GLU A 32 14.06 15.02 -14.46
C GLU A 32 14.06 14.52 -13.01
N PHE A 33 15.24 14.27 -12.46
CA PHE A 33 15.32 13.83 -11.08
C PHE A 33 14.79 14.89 -10.12
N GLN A 34 15.15 16.16 -10.36
CA GLN A 34 14.62 17.23 -9.52
C GLN A 34 13.11 17.36 -9.65
N LYS A 35 12.57 17.24 -10.87
CA LYS A 35 11.12 17.35 -11.04
C LYS A 35 10.40 16.22 -10.31
N ILE A 36 10.88 14.98 -10.48
CA ILE A 36 10.22 13.85 -9.83
C ILE A 36 10.39 13.91 -8.32
N ALA A 37 11.56 14.36 -7.84
CA ALA A 37 11.78 14.50 -6.41
C ALA A 37 10.86 15.55 -5.82
N MET A 38 10.69 16.67 -6.52
CA MET A 38 9.78 17.70 -6.04
C MET A 38 8.34 17.20 -6.00
N ALA A 39 7.91 16.49 -7.04
CA ALA A 39 6.55 15.97 -7.04
C ALA A 39 6.34 14.94 -5.93
N THR A 40 7.31 14.06 -5.73
CA THR A 40 7.20 13.06 -4.67
C THR A 40 7.20 13.73 -3.29
N ALA A 41 8.05 14.74 -3.10
CA ALA A 41 8.06 15.46 -1.83
C ALA A 41 6.74 16.16 -1.58
N ILE A 42 6.15 16.77 -2.62
CA ILE A 42 4.87 17.45 -2.45
C ILE A 42 3.78 16.46 -2.08
N GLY A 43 3.72 15.33 -2.79
CA GLY A 43 2.69 14.33 -2.48
C GLY A 43 2.87 13.73 -1.10
N PHE A 44 4.12 13.39 -0.75
CA PHE A 44 4.41 12.88 0.59
C PHE A 44 4.03 13.88 1.65
N ALA A 45 4.39 15.15 1.46
CA ALA A 45 4.03 16.17 2.43
C ALA A 45 2.52 16.27 2.59
N ILE A 46 1.79 16.31 1.47
CA ILE A 46 0.33 16.37 1.52
C ILE A 46 -0.23 15.25 2.36
N MET A 47 0.02 14.00 1.93
CA MET A 47 -0.60 12.87 2.62
C MET A 47 -0.12 12.75 4.06
N GLY A 48 1.19 12.78 4.28
CA GLY A 48 1.73 12.59 5.60
C GLY A 48 1.30 13.67 6.58
N PHE A 49 1.32 14.93 6.15
CA PHE A 49 0.96 16.00 7.06
C PHE A 49 -0.53 16.09 7.29
N ILE A 50 -1.36 15.76 6.29
CA ILE A 50 -2.79 15.67 6.54
C ILE A 50 -3.08 14.59 7.57
N GLY A 51 -2.44 13.43 7.42
CA GLY A 51 -2.61 12.37 8.42
C GLY A 51 -2.09 12.77 9.78
N PHE A 52 -0.96 13.47 9.82
CA PHE A 52 -0.36 13.91 11.07
C PHE A 52 -1.28 14.87 11.81
N PHE A 53 -1.84 15.85 11.09
CA PHE A 53 -2.72 16.82 11.74
C PHE A 53 -4.05 16.19 12.13
N VAL A 54 -4.56 15.25 11.33
CA VAL A 54 -5.77 14.53 11.72
C VAL A 54 -5.54 13.74 13.00
N LYS A 55 -4.39 13.06 13.10
CA LYS A 55 -4.07 12.31 14.29
C LYS A 55 -3.93 13.23 15.51
N LEU A 56 -3.28 14.38 15.34
CA LEU A 56 -3.17 15.33 16.45
C LEU A 56 -4.54 15.83 16.88
N ILE A 57 -5.42 16.15 15.93
CA ILE A 57 -6.75 16.63 16.27
C ILE A 57 -7.53 15.56 17.01
N HIS A 58 -7.41 14.30 16.57
CA HIS A 58 -8.25 13.23 17.10
C HIS A 58 -7.69 12.58 18.36
N ILE A 59 -6.46 12.87 18.76
CA ILE A 59 -5.97 12.37 20.05
C ILE A 59 -6.78 12.94 21.21
N PRO A 60 -6.94 14.25 21.37
CA PRO A 60 -7.82 14.74 22.46
C PRO A 60 -9.27 14.34 22.28
N ILE A 61 -9.76 14.25 21.04
CA ILE A 61 -11.14 13.85 20.82
C ILE A 61 -11.36 12.41 21.27
N ASN A 62 -10.43 11.51 20.93
CA ASN A 62 -10.53 10.14 21.41
C ASN A 62 -10.38 10.07 22.92
N ASN A 63 -9.56 10.94 23.51
CA ASN A 63 -9.47 10.99 24.96
C ASN A 63 -10.80 11.40 25.58
N ILE A 64 -11.49 12.37 24.97
CA ILE A 64 -12.74 12.86 25.53
C ILE A 64 -13.85 11.82 25.40
N ILE A 65 -14.00 11.24 24.19
CA ILE A 65 -15.09 10.29 23.99
C ILE A 65 -14.81 8.94 24.63
N VAL A 66 -13.56 8.55 24.77
CA VAL A 66 -13.21 7.26 25.34
C VAL A 66 -12.38 7.44 26.60
N GLY B 65 -30.96 2.05 -9.68
CA GLY B 65 -30.28 2.16 -8.40
C GLY B 65 -29.97 3.58 -8.01
N LEU B 66 -29.66 3.79 -6.73
CA LEU B 66 -29.35 5.12 -6.24
C LEU B 66 -28.01 5.59 -6.80
N LYS B 67 -27.99 6.80 -7.34
CA LYS B 67 -26.79 7.39 -7.94
C LYS B 67 -26.46 8.68 -7.21
N VAL B 68 -25.69 8.57 -6.13
CA VAL B 68 -25.30 9.72 -5.33
C VAL B 68 -24.08 10.38 -5.98
N GLY B 69 -23.78 11.61 -5.55
CA GLY B 69 -22.60 12.30 -6.01
C GLY B 69 -21.49 12.27 -4.98
N PRO B 70 -20.47 13.08 -5.18
CA PRO B 70 -19.35 13.10 -4.22
C PRO B 70 -19.70 13.82 -2.92
N VAL B 71 -20.43 14.93 -3.03
CA VAL B 71 -20.84 15.66 -1.82
C VAL B 71 -21.77 14.82 -0.95
N PRO B 72 -22.77 14.11 -1.49
CA PRO B 72 -23.53 13.19 -0.63
C PRO B 72 -22.65 12.13 0.03
N VAL B 73 -21.62 11.65 -0.66
CA VAL B 73 -20.72 10.68 -0.05
C VAL B 73 -19.97 11.30 1.13
N LEU B 74 -19.48 12.52 0.96
CA LEU B 74 -18.82 13.22 2.05
C LEU B 74 -19.76 13.42 3.22
N VAL B 75 -21.01 13.83 2.93
CA VAL B 75 -21.98 14.09 3.99
C VAL B 75 -22.33 12.81 4.73
N MET B 76 -22.49 11.69 3.99
CA MET B 76 -22.83 10.43 4.65
C MET B 76 -21.66 9.88 5.46
N SER B 77 -20.43 10.07 4.97
CA SER B 77 -19.28 9.68 5.77
C SER B 77 -19.20 10.48 7.06
N LEU B 78 -19.43 11.79 6.98
CA LEU B 78 -19.45 12.61 8.19
C LEU B 78 -20.59 12.20 9.10
N LEU B 79 -21.73 11.80 8.54
CA LEU B 79 -22.86 11.37 9.35
C LEU B 79 -22.56 10.05 10.07
N PHE B 80 -21.88 9.12 9.40
CA PHE B 80 -21.48 7.89 10.06
C PHE B 80 -20.47 8.16 11.17
N ILE B 81 -19.53 9.07 10.91
CA ILE B 81 -18.57 9.49 11.93
C ILE B 81 -19.31 10.07 13.14
N ALA B 82 -20.27 10.96 12.89
CA ALA B 82 -21.04 11.55 13.98
C ALA B 82 -21.87 10.49 14.70
N SER B 83 -22.38 9.50 13.97
CA SER B 83 -23.15 8.44 14.60
C SER B 83 -22.28 7.61 15.55
N VAL B 84 -21.05 7.31 15.13
CA VAL B 84 -20.13 6.60 16.02
C VAL B 84 -19.81 7.46 17.24
N PHE B 85 -19.59 8.76 17.04
CA PHE B 85 -19.33 9.64 18.17
C PHE B 85 -20.51 9.67 19.14
N MET B 86 -21.73 9.75 18.63
CA MET B 86 -22.90 9.75 19.50
C MET B 86 -23.10 8.40 20.19
N LEU B 87 -22.73 7.31 19.53
CA LEU B 87 -22.74 6.01 20.20
C LEU B 87 -21.79 6.02 21.39
N HIS B 88 -20.58 6.55 21.19
CA HIS B 88 -19.62 6.65 22.29
C HIS B 88 -20.16 7.53 23.41
N ILE B 89 -20.76 8.66 23.06
CA ILE B 89 -21.28 9.58 24.06
C ILE B 89 -22.43 8.95 24.84
N TRP B 90 -23.34 8.25 24.14
CA TRP B 90 -24.45 7.61 24.81
C TRP B 90 -23.97 6.50 25.74
N GLY B 91 -22.99 5.71 25.30
CA GLY B 91 -22.43 4.71 26.19
C GLY B 91 -21.76 5.32 27.41
N LYS B 92 -21.04 6.42 27.20
CA LYS B 92 -20.37 7.10 28.31
C LYS B 92 -21.37 7.64 29.32
N TYR B 93 -22.48 8.19 28.84
CA TYR B 93 -23.50 8.69 29.76
C TYR B 93 -24.23 7.54 30.45
N THR B 94 -24.48 6.44 29.73
CA THR B 94 -25.16 5.31 30.33
C THR B 94 -24.32 4.67 31.43
N ARG B 95 -23.02 4.51 31.20
CA ARG B 95 -22.16 3.90 32.20
C ARG B 95 -22.00 4.82 33.41
N LEU C 6 -25.96 -13.84 -13.38
CA LEU C 6 -26.03 -12.59 -12.64
C LEU C 6 -27.48 -12.15 -12.46
N GLU C 7 -28.40 -12.91 -13.05
CA GLU C 7 -29.82 -12.60 -12.99
C GLU C 7 -30.46 -12.95 -11.65
N VAL C 8 -29.78 -13.73 -10.82
CA VAL C 8 -30.27 -14.06 -9.48
C VAL C 8 -29.73 -13.07 -8.44
N ILE C 9 -28.91 -12.11 -8.88
CA ILE C 9 -28.24 -11.17 -7.98
C ILE C 9 -28.64 -9.73 -8.24
N LYS C 10 -29.29 -9.44 -9.37
CA LYS C 10 -29.64 -8.06 -9.70
C LYS C 10 -30.53 -7.40 -8.65
N PRO C 11 -31.57 -8.05 -8.11
CA PRO C 11 -32.35 -7.38 -7.06
C PRO C 11 -31.53 -6.98 -5.85
N PHE C 12 -30.52 -7.77 -5.48
CA PHE C 12 -29.61 -7.39 -4.42
C PHE C 12 -28.45 -6.54 -4.93
N CYS C 13 -28.25 -6.44 -6.25
CA CYS C 13 -27.27 -5.54 -6.83
C CYS C 13 -27.79 -4.13 -6.98
N VAL C 14 -29.09 -3.91 -6.89
CA VAL C 14 -29.69 -2.60 -7.12
C VAL C 14 -30.00 -1.89 -5.81
N ILE C 15 -29.63 -2.47 -4.68
CA ILE C 15 -29.96 -1.91 -3.37
C ILE C 15 -28.80 -1.20 -2.70
N LEU C 16 -27.66 -1.09 -3.38
CA LEU C 16 -26.53 -0.40 -2.76
C LEU C 16 -26.23 0.91 -3.50
N PRO C 17 -25.70 1.91 -2.81
CA PRO C 17 -25.45 3.20 -3.46
C PRO C 17 -24.40 3.11 -4.55
N GLU C 18 -24.55 3.95 -5.56
CA GLU C 18 -23.62 4.04 -6.67
C GLU C 18 -23.24 5.50 -6.89
N ILE C 19 -22.01 5.71 -7.37
CA ILE C 19 -21.54 7.05 -7.68
C ILE C 19 -21.84 7.36 -9.13
N GLN C 20 -22.46 8.52 -9.37
CA GLN C 20 -22.78 8.93 -10.73
C GLN C 20 -21.55 9.44 -11.45
N LYS C 21 -21.38 9.05 -12.70
CA LYS C 21 -20.26 9.49 -13.50
C LYS C 21 -20.33 11.00 -13.72
N PRO C 22 -19.20 11.70 -13.66
CA PRO C 22 -19.22 13.14 -13.95
C PRO C 22 -19.71 13.41 -15.36
N GLU C 23 -20.50 14.46 -15.51
CA GLU C 23 -20.98 14.79 -16.82
C GLU C 23 -19.79 15.22 -17.67
N ARG C 24 -19.03 16.19 -17.17
CA ARG C 24 -17.88 16.70 -17.90
C ARG C 24 -16.63 15.90 -17.46
N LYS C 25 -15.42 16.29 -17.85
CA LYS C 25 -14.20 15.64 -17.37
C LYS C 25 -13.63 16.57 -16.30
N ILE C 26 -13.63 16.10 -15.04
CA ILE C 26 -13.18 16.93 -13.93
C ILE C 26 -11.74 17.36 -14.15
N GLN C 27 -11.47 18.63 -13.90
CA GLN C 27 -10.13 19.18 -14.08
C GLN C 27 -9.18 18.57 -13.05
N PHE C 28 -7.87 18.68 -13.34
CA PHE C 28 -6.87 18.08 -12.46
C PHE C 28 -6.90 18.70 -11.07
N LYS C 29 -7.09 20.02 -10.99
CA LYS C 29 -7.11 20.67 -9.68
C LYS C 29 -8.27 20.18 -8.83
N GLU C 30 -9.47 20.08 -9.42
CA GLU C 30 -10.62 19.58 -8.68
C GLU C 30 -10.48 18.10 -8.34
N LYS C 31 -9.83 17.32 -9.21
CA LYS C 31 -9.56 15.92 -8.89
C LYS C 31 -8.58 15.80 -7.73
N VAL C 32 -7.58 16.69 -7.68
CA VAL C 32 -6.67 16.73 -6.52
C VAL C 32 -7.43 17.08 -5.25
N LEU C 33 -8.35 18.05 -5.35
CA LEU C 33 -9.14 18.43 -4.18
C LEU C 33 -9.99 17.26 -3.70
N TRP C 34 -10.62 16.53 -4.62
CA TRP C 34 -11.44 15.39 -4.22
C TRP C 34 -10.60 14.24 -3.68
N THR C 35 -9.39 14.04 -4.22
CA THR C 35 -8.49 13.04 -3.66
C THR C 35 -8.09 13.41 -2.24
N ALA C 36 -7.81 14.69 -2.00
CA ALA C 36 -7.48 15.15 -0.65
C ALA C 36 -8.64 14.96 0.29
N ILE C 37 -9.86 15.26 -0.16
CA ILE C 37 -11.05 15.08 0.67
C ILE C 37 -11.26 13.60 0.98
N THR C 38 -11.08 12.73 -0.02
CA THR C 38 -11.25 11.30 0.20
C THR C 38 -10.24 10.77 1.21
N LEU C 39 -8.97 11.15 1.06
CA LEU C 39 -7.98 10.67 2.01
C LEU C 39 -8.19 11.27 3.38
N PHE C 40 -8.70 12.50 3.46
CA PHE C 40 -9.04 13.09 4.75
C PHE C 40 -10.14 12.30 5.45
N ILE C 41 -11.19 11.93 4.70
CA ILE C 41 -12.25 11.11 5.28
C ILE C 41 -11.71 9.78 5.76
N PHE C 42 -10.86 9.14 4.95
CA PHE C 42 -10.28 7.86 5.33
C PHE C 42 -9.46 7.99 6.60
N LEU C 43 -8.65 9.04 6.70
CA LEU C 43 -7.82 9.23 7.89
C LEU C 43 -8.67 9.52 9.13
N VAL C 44 -9.69 10.37 8.98
CA VAL C 44 -10.55 10.70 10.12
C VAL C 44 -11.23 9.44 10.63
N CYS C 45 -11.71 8.58 9.72
CA CYS C 45 -12.29 7.32 10.15
C CYS C 45 -11.23 6.39 10.75
N CYS C 46 -10.00 6.47 10.26
CA CYS C 46 -8.92 5.68 10.84
C CYS C 46 -8.62 6.09 12.28
N GLN C 47 -8.91 7.33 12.64
CA GLN C 47 -8.60 7.83 13.96
C GLN C 47 -9.76 7.73 14.95
N ILE C 48 -10.88 7.14 14.55
CA ILE C 48 -12.07 7.07 15.39
C ILE C 48 -12.26 5.62 15.84
N PRO C 49 -12.25 5.34 17.14
CA PRO C 49 -12.35 3.96 17.60
C PRO C 49 -13.76 3.41 17.48
N LEU C 50 -13.84 2.08 17.47
CA LEU C 50 -15.13 1.40 17.47
C LEU C 50 -15.79 1.49 18.85
N PHE C 51 -17.10 1.30 18.87
CA PHE C 51 -17.86 1.28 20.11
C PHE C 51 -18.11 -0.15 20.54
N GLY C 52 -17.89 -0.44 21.81
CA GLY C 52 -18.05 -1.77 22.35
C GLY C 52 -16.74 -2.43 22.73
N ILE C 53 -15.61 -1.76 22.51
CA ILE C 53 -14.31 -2.35 22.77
C ILE C 53 -14.15 -2.53 24.27
N MET C 54 -14.10 -3.79 24.72
CA MET C 54 -13.77 -4.04 26.12
C MET C 54 -12.31 -3.76 26.42
N SER C 55 -11.41 -4.25 25.57
CA SER C 55 -9.99 -4.10 25.82
C SER C 55 -9.22 -4.31 24.52
N SER C 56 -8.16 -3.53 24.34
CA SER C 56 -7.23 -3.70 23.24
C SER C 56 -5.85 -4.10 23.74
N ASP C 57 -5.80 -4.75 24.90
CA ASP C 57 -4.53 -5.14 25.51
C ASP C 57 -3.88 -6.31 24.78
N SER C 58 -4.68 -7.16 24.14
CA SER C 58 -4.14 -8.31 23.43
C SER C 58 -3.30 -7.86 22.24
N ALA C 59 -2.29 -8.66 21.91
CA ALA C 59 -1.47 -8.39 20.74
C ALA C 59 -2.30 -8.52 19.47
N ASP C 60 -2.02 -7.66 18.51
CA ASP C 60 -2.79 -7.64 17.27
C ASP C 60 -2.47 -8.87 16.43
N PRO C 61 -3.45 -9.74 16.17
CA PRO C 61 -3.18 -10.88 15.28
C PRO C 61 -2.89 -10.47 13.85
N PHE C 62 -3.49 -9.40 13.38
CA PHE C 62 -3.35 -8.92 12.00
C PHE C 62 -2.44 -7.71 11.94
N TYR C 63 -1.41 -7.68 12.79
CA TYR C 63 -0.48 -6.57 12.80
C TYR C 63 0.31 -6.49 11.51
N TRP C 64 0.53 -7.62 10.85
CA TRP C 64 1.34 -7.66 9.64
C TRP C 64 0.55 -7.28 8.38
N MET C 65 -0.78 -7.21 8.46
CA MET C 65 -1.59 -6.73 7.35
C MET C 65 -1.92 -5.25 7.46
N ARG C 66 -1.50 -4.58 8.54
CA ARG C 66 -1.87 -3.19 8.77
C ARG C 66 -1.25 -2.24 7.75
N VAL C 67 -0.22 -2.67 7.03
CA VAL C 67 0.43 -1.83 6.02
C VAL C 67 -0.11 -2.13 4.63
N ILE C 68 -0.26 -3.41 4.28
CA ILE C 68 -0.74 -3.78 2.96
C ILE C 68 -2.25 -3.62 2.84
N LEU C 69 -2.97 -3.51 3.95
CA LEU C 69 -4.41 -3.29 3.94
C LEU C 69 -4.81 -1.90 4.38
N ALA C 70 -3.84 -1.04 4.71
CA ALA C 70 -4.12 0.33 5.16
C ALA C 70 -5.08 0.34 6.35
N SER C 71 -4.89 -0.62 7.26
CA SER C 71 -5.77 -0.80 8.40
C SER C 71 -5.23 -0.07 9.63
N ASN C 72 -6.06 -0.06 10.67
CA ASN C 72 -5.69 0.53 11.95
C ASN C 72 -6.54 -0.14 13.01
N ARG C 73 -5.88 -0.77 13.98
CA ARG C 73 -6.58 -1.65 14.92
C ARG C 73 -7.55 -0.88 15.80
N GLY C 74 -8.73 -1.45 16.01
CA GLY C 74 -9.69 -0.90 16.94
C GLY C 74 -10.36 0.38 16.49
N THR C 75 -10.38 0.65 15.18
CA THR C 75 -10.94 1.87 14.64
C THR C 75 -11.92 1.53 13.52
N LEU C 76 -12.51 2.56 12.92
CA LEU C 76 -13.50 2.35 11.86
C LEU C 76 -12.88 1.78 10.60
N MET C 77 -11.58 1.97 10.38
CA MET C 77 -10.90 1.36 9.24
C MET C 77 -10.01 0.24 9.73
N GLU C 78 -10.57 -0.56 10.64
CA GLU C 78 -9.88 -1.78 11.08
C GLU C 78 -9.67 -2.74 9.93
N LEU C 79 -10.68 -2.88 9.07
CA LEU C 79 -10.56 -3.71 7.89
C LEU C 79 -9.77 -3.03 6.78
N GLY C 80 -9.62 -1.70 6.85
CA GLY C 80 -8.83 -0.99 5.87
C GLY C 80 -9.46 -1.03 4.50
N ILE C 81 -8.65 -1.38 3.50
CA ILE C 81 -9.10 -1.43 2.11
C ILE C 81 -9.48 -2.85 1.74
N SER C 82 -9.70 -3.68 2.76
CA SER C 82 -10.11 -5.06 2.50
C SER C 82 -11.37 -5.17 1.64
N PRO C 83 -12.41 -4.33 1.82
CA PRO C 83 -13.52 -4.36 0.86
C PRO C 83 -13.09 -4.30 -0.60
N ILE C 84 -12.28 -3.31 -0.96
CA ILE C 84 -11.89 -3.13 -2.37
C ILE C 84 -11.09 -4.33 -2.86
N VAL C 85 -10.06 -4.71 -2.10
CA VAL C 85 -9.19 -5.79 -2.53
C VAL C 85 -9.96 -7.09 -2.67
N THR C 86 -10.77 -7.41 -1.66
CA THR C 86 -11.49 -8.67 -1.67
C THR C 86 -12.54 -8.70 -2.77
N SER C 87 -13.27 -7.59 -2.98
CA SER C 87 -14.24 -7.56 -4.06
C SER C 87 -13.56 -7.75 -5.41
N GLY C 88 -12.43 -7.08 -5.62
CA GLY C 88 -11.72 -7.25 -6.88
C GLY C 88 -11.26 -8.68 -7.10
N LEU C 89 -10.66 -9.28 -6.08
CA LEU C 89 -10.17 -10.65 -6.22
C LEU C 89 -11.31 -11.64 -6.42
N ILE C 90 -12.42 -11.46 -5.70
CA ILE C 90 -13.56 -12.36 -5.84
C ILE C 90 -14.13 -12.26 -7.25
N MET C 91 -14.26 -11.04 -7.78
CA MET C 91 -14.80 -10.88 -9.12
C MET C 91 -13.86 -11.46 -10.17
N GLN C 92 -12.55 -11.27 -9.99
CA GLN C 92 -11.59 -11.85 -10.92
C GLN C 92 -11.62 -13.37 -10.89
N LEU C 93 -11.72 -13.96 -9.69
CA LEU C 93 -11.80 -15.41 -9.57
C LEU C 93 -13.07 -15.95 -10.19
N LEU C 94 -14.19 -15.23 -10.01
CA LEU C 94 -15.43 -15.66 -10.64
C LEU C 94 -15.36 -15.54 -12.15
N ALA C 95 -14.66 -14.52 -12.66
CA ALA C 95 -14.44 -14.42 -14.10
C ALA C 95 -13.60 -15.58 -14.61
N GLY C 96 -12.57 -15.97 -13.85
CA GLY C 96 -11.79 -17.13 -14.22
C GLY C 96 -12.59 -18.41 -14.24
N ALA C 97 -13.56 -18.52 -13.33
CA ALA C 97 -14.43 -19.69 -13.27
C ALA C 97 -15.63 -19.58 -14.20
N LYS C 98 -15.72 -18.51 -14.99
CA LYS C 98 -16.75 -18.26 -15.99
C LYS C 98 -18.14 -18.03 -15.38
N ILE C 99 -18.26 -18.04 -14.05
CA ILE C 99 -19.57 -17.87 -13.43
C ILE C 99 -20.07 -16.44 -13.58
N ILE C 100 -19.18 -15.45 -13.46
CA ILE C 100 -19.56 -14.05 -13.50
C ILE C 100 -19.29 -13.54 -14.91
N GLU C 101 -19.92 -12.41 -15.24
CA GLU C 101 -19.70 -11.77 -16.53
C GLU C 101 -20.09 -10.31 -16.49
N LYS C 107 -25.46 -1.62 -19.39
CA LYS C 107 -26.12 -2.27 -18.27
C LYS C 107 -25.24 -3.36 -17.66
N ASP C 108 -24.38 -3.94 -18.49
CA ASP C 108 -23.47 -4.98 -18.01
C ASP C 108 -22.49 -4.42 -16.99
N ARG C 109 -21.95 -3.23 -17.26
CA ARG C 109 -21.00 -2.62 -16.32
C ARG C 109 -21.66 -2.30 -14.99
N ALA C 110 -22.87 -1.76 -15.03
CA ALA C 110 -23.59 -1.44 -13.79
C ALA C 110 -23.88 -2.71 -12.99
N LEU C 111 -24.28 -3.78 -13.67
CA LEU C 111 -24.54 -5.04 -12.98
C LEU C 111 -23.25 -5.62 -12.39
N PHE C 112 -22.15 -5.51 -13.13
CA PHE C 112 -20.87 -5.98 -12.62
C PHE C 112 -20.45 -5.20 -11.38
N ASN C 113 -20.62 -3.88 -11.40
CA ASN C 113 -20.28 -3.07 -10.24
C ASN C 113 -21.17 -3.39 -9.05
N GLY C 114 -22.47 -3.58 -9.29
CA GLY C 114 -23.35 -3.97 -8.20
C GLY C 114 -22.97 -5.31 -7.61
N ALA C 115 -22.63 -6.28 -8.45
CA ALA C 115 -22.20 -7.58 -7.95
C ALA C 115 -20.91 -7.47 -7.14
N GLN C 116 -19.95 -6.68 -7.63
CA GLN C 116 -18.70 -6.55 -6.89
C GLN C 116 -18.92 -5.87 -5.55
N LYS C 117 -19.80 -4.85 -5.50
CA LYS C 117 -20.13 -4.22 -4.23
C LYS C 117 -20.78 -5.22 -3.28
N LEU C 118 -21.75 -6.00 -3.77
CA LEU C 118 -22.45 -6.93 -2.90
C LEU C 118 -21.51 -7.99 -2.35
N PHE C 119 -20.63 -8.54 -3.20
CA PHE C 119 -19.69 -9.55 -2.74
C PHE C 119 -18.67 -8.96 -1.78
N GLY C 120 -18.20 -7.75 -2.06
CA GLY C 120 -17.28 -7.10 -1.14
C GLY C 120 -17.91 -6.85 0.21
N MET C 121 -19.19 -6.48 0.23
CA MET C 121 -19.85 -6.20 1.50
C MET C 121 -20.16 -7.48 2.26
N ILE C 122 -20.49 -8.56 1.55
CA ILE C 122 -20.68 -9.85 2.21
C ILE C 122 -19.38 -10.32 2.86
N ILE C 123 -18.27 -10.20 2.13
CA ILE C 123 -17.00 -10.61 2.73
C ILE C 123 -16.56 -9.62 3.79
N THR C 124 -17.01 -8.36 3.72
CA THR C 124 -16.75 -7.43 4.83
C THR C 124 -17.45 -7.89 6.10
N ILE C 125 -18.69 -8.36 5.96
CA ILE C 125 -19.40 -8.92 7.12
C ILE C 125 -18.65 -10.13 7.66
N GLY C 126 -18.22 -11.02 6.76
CA GLY C 126 -17.47 -12.20 7.19
C GLY C 126 -16.16 -11.84 7.88
N GLN C 127 -15.46 -10.85 7.35
CA GLN C 127 -14.20 -10.41 7.95
C GLN C 127 -14.42 -9.76 9.30
N SER C 128 -15.51 -9.00 9.45
CA SER C 128 -15.85 -8.45 10.75
C SER C 128 -16.13 -9.55 11.75
N ILE C 129 -16.83 -10.60 11.32
CA ILE C 129 -17.09 -11.74 12.21
C ILE C 129 -15.78 -12.40 12.62
N VAL C 130 -14.86 -12.59 11.67
CA VAL C 130 -13.58 -13.22 11.96
C VAL C 130 -12.79 -12.37 12.97
N TYR C 131 -12.75 -11.05 12.72
CA TYR C 131 -12.01 -10.15 13.61
C TYR C 131 -12.60 -10.17 15.00
N VAL C 132 -13.93 -10.19 15.11
CA VAL C 132 -14.56 -10.26 16.43
C VAL C 132 -14.22 -11.58 17.12
N MET C 133 -14.29 -12.69 16.39
CA MET C 133 -14.05 -14.00 16.97
C MET C 133 -12.58 -14.28 17.27
N THR C 134 -11.65 -13.46 16.77
CA THR C 134 -10.25 -13.64 17.10
C THR C 134 -9.92 -13.26 18.53
N GLY C 135 -10.89 -12.79 19.32
CA GLY C 135 -10.61 -12.30 20.65
C GLY C 135 -9.85 -11.00 20.69
N MET C 136 -9.87 -10.24 19.59
CA MET C 136 -9.13 -8.98 19.52
C MET C 136 -9.67 -7.96 20.51
N TYR C 137 -10.99 -7.86 20.62
CA TYR C 137 -11.63 -6.88 21.48
C TYR C 137 -11.99 -7.41 22.85
N GLY C 138 -11.71 -8.68 23.12
CA GLY C 138 -12.09 -9.31 24.37
C GLY C 138 -12.77 -10.63 24.07
N ASP C 139 -13.15 -11.36 25.08
CA ASP C 139 -13.87 -12.61 24.86
C ASP C 139 -15.22 -12.27 24.25
N PRO C 140 -15.56 -12.78 23.06
CA PRO C 140 -16.86 -12.46 22.46
C PRO C 140 -18.04 -12.87 23.33
N SER C 141 -17.87 -13.92 24.14
CA SER C 141 -18.92 -14.26 25.11
C SER C 141 -19.12 -13.12 26.10
N GLU C 142 -18.04 -12.47 26.53
CA GLU C 142 -18.16 -11.36 27.47
C GLU C 142 -18.71 -10.11 26.80
N MET C 143 -18.32 -9.83 25.55
CA MET C 143 -18.91 -8.69 24.86
C MET C 143 -20.41 -8.89 24.67
N GLY C 144 -20.81 -10.08 24.23
CA GLY C 144 -22.21 -10.37 24.02
C GLY C 144 -22.64 -10.16 22.58
N ALA C 145 -23.82 -10.71 22.28
CA ALA C 145 -24.35 -10.63 20.92
C ALA C 145 -24.59 -9.19 20.51
N GLY C 146 -25.10 -8.36 21.43
CA GLY C 146 -25.36 -6.98 21.09
C GLY C 146 -24.11 -6.21 20.73
N ILE C 147 -23.06 -6.35 21.54
CA ILE C 147 -21.81 -5.63 21.28
C ILE C 147 -21.15 -6.14 20.00
N CYS C 148 -21.14 -7.47 19.80
CA CYS C 148 -20.55 -8.01 18.59
C CYS C 148 -21.31 -7.55 17.35
N LEU C 149 -22.65 -7.51 17.43
CA LEU C 149 -23.45 -7.04 16.31
C LEU C 149 -23.22 -5.56 16.05
N LEU C 150 -23.07 -4.75 17.10
CA LEU C 150 -22.76 -3.34 16.92
C LEU C 150 -21.40 -3.15 16.22
N ILE C 151 -20.40 -3.92 16.64
CA ILE C 151 -19.09 -3.82 16.00
C ILE C 151 -19.18 -4.24 14.54
N THR C 152 -19.93 -5.31 14.26
CA THR C 152 -20.11 -5.76 12.88
C THR C 152 -20.82 -4.70 12.05
N ILE C 153 -21.83 -4.04 12.62
CA ILE C 153 -22.56 -3.01 11.90
C ILE C 153 -21.64 -1.83 11.58
N GLN C 154 -20.84 -1.40 12.56
CA GLN C 154 -19.93 -0.29 12.33
C GLN C 154 -18.91 -0.63 11.25
N LEU C 155 -18.34 -1.83 11.31
CA LEU C 155 -17.38 -2.24 10.29
C LEU C 155 -18.03 -2.40 8.92
N PHE C 156 -19.29 -2.85 8.89
CA PHE C 156 -20.03 -2.98 7.65
C PHE C 156 -20.25 -1.62 7.00
N VAL C 157 -20.71 -0.64 7.77
CA VAL C 157 -20.93 0.70 7.24
C VAL C 157 -19.60 1.35 6.84
N ALA C 158 -18.54 1.11 7.60
CA ALA C 158 -17.24 1.65 7.25
C ALA C 158 -16.72 1.04 5.95
N GLY C 159 -16.93 -0.26 5.75
CA GLY C 159 -16.57 -0.87 4.49
C GLY C 159 -17.38 -0.34 3.33
N LEU C 160 -18.66 -0.06 3.57
CA LEU C 160 -19.49 0.60 2.55
C LEU C 160 -18.91 1.96 2.20
N ILE C 161 -18.47 2.72 3.21
CA ILE C 161 -17.88 4.03 2.96
C ILE C 161 -16.59 3.89 2.19
N VAL C 162 -15.78 2.87 2.49
CA VAL C 162 -14.54 2.65 1.76
C VAL C 162 -14.84 2.34 0.29
N LEU C 163 -15.84 1.50 0.05
CA LEU C 163 -16.22 1.18 -1.33
C LEU C 163 -16.69 2.43 -2.06
N LEU C 164 -17.48 3.27 -1.40
CA LEU C 164 -17.95 4.50 -2.01
C LEU C 164 -16.78 5.44 -2.31
N LEU C 165 -15.81 5.52 -1.40
CA LEU C 165 -14.65 6.38 -1.64
C LEU C 165 -13.81 5.88 -2.80
N ASP C 166 -13.62 4.56 -2.89
CA ASP C 166 -12.90 4.01 -4.04
C ASP C 166 -13.63 4.29 -5.34
N GLU C 167 -14.96 4.17 -5.34
CA GLU C 167 -15.73 4.51 -6.53
C GLU C 167 -15.59 6.00 -6.86
N LEU C 168 -15.62 6.86 -5.85
CA LEU C 168 -15.41 8.28 -6.08
C LEU C 168 -14.08 8.53 -6.78
N LEU C 169 -13.02 7.87 -6.29
CA LEU C 169 -11.71 8.04 -6.90
C LEU C 169 -11.67 7.50 -8.33
N GLN C 170 -12.30 6.36 -8.57
CA GLN C 170 -12.14 5.66 -9.84
C GLN C 170 -13.19 6.03 -10.89
N LYS C 171 -14.20 6.81 -10.54
CA LYS C 171 -15.23 7.22 -11.49
C LYS C 171 -14.90 8.55 -12.15
N GLY C 172 -13.76 9.16 -11.83
CA GLY C 172 -13.35 10.41 -12.43
C GLY C 172 -13.27 11.58 -11.48
N TYR C 173 -13.61 11.40 -10.21
CA TYR C 173 -13.49 12.47 -9.23
C TYR C 173 -12.12 12.54 -8.60
N GLY C 174 -11.40 11.41 -8.51
CA GLY C 174 -10.11 11.36 -7.89
C GLY C 174 -9.02 10.96 -8.88
N LEU C 175 -7.80 10.87 -8.35
CA LEU C 175 -6.62 10.62 -9.17
C LEU C 175 -6.14 9.18 -9.08
N GLY C 176 -7.04 8.21 -8.98
CA GLY C 176 -6.62 6.83 -8.98
C GLY C 176 -7.56 5.89 -8.27
N SER C 177 -6.99 4.92 -7.56
CA SER C 177 -7.76 3.91 -6.85
C SER C 177 -7.62 4.12 -5.34
N GLY C 178 -8.61 3.60 -4.61
CA GLY C 178 -8.56 3.71 -3.16
C GLY C 178 -7.40 2.92 -2.56
N ILE C 179 -7.06 1.78 -3.17
CA ILE C 179 -6.00 0.93 -2.65
C ILE C 179 -4.70 1.71 -2.54
N SER C 180 -4.21 2.21 -3.68
CA SER C 180 -2.93 2.91 -3.70
C SER C 180 -2.98 4.17 -2.84
N LEU C 181 -4.05 4.95 -2.96
CA LEU C 181 -4.14 6.20 -2.22
C LEU C 181 -4.08 5.94 -0.71
N PHE C 182 -4.85 4.97 -0.24
CA PHE C 182 -4.93 4.75 1.21
C PHE C 182 -3.67 4.10 1.74
N ILE C 183 -3.07 3.18 0.99
CA ILE C 183 -1.82 2.57 1.42
C ILE C 183 -0.72 3.63 1.52
N ALA C 184 -0.57 4.45 0.49
CA ALA C 184 0.44 5.49 0.51
C ALA C 184 0.15 6.52 1.59
N THR C 185 -1.12 6.85 1.80
CA THR C 185 -1.49 7.81 2.82
C THR C 185 -1.10 7.30 4.21
N ASN C 186 -1.36 6.03 4.49
CA ASN C 186 -0.99 5.47 5.78
C ASN C 186 0.53 5.42 5.95
N ILE C 187 1.26 5.07 4.89
CA ILE C 187 2.72 5.02 4.99
C ILE C 187 3.29 6.41 5.25
N CYS C 188 2.81 7.41 4.52
CA CYS C 188 3.29 8.77 4.70
C CYS C 188 2.91 9.29 6.08
N GLU C 189 1.72 8.96 6.57
CA GLU C 189 1.33 9.33 7.93
C GLU C 189 2.28 8.72 8.95
N THR C 190 2.63 7.44 8.77
CA THR C 190 3.53 6.79 9.70
C THR C 190 4.90 7.45 9.71
N ILE C 191 5.44 7.76 8.51
CA ILE C 191 6.75 8.39 8.45
C ILE C 191 6.73 9.78 9.09
N VAL C 192 5.70 10.57 8.76
CA VAL C 192 5.62 11.92 9.32
C VAL C 192 5.38 11.88 10.82
N TRP C 193 4.63 10.89 11.31
CA TRP C 193 4.43 10.74 12.75
C TRP C 193 5.75 10.41 13.44
N LYS C 194 6.49 9.43 12.89
CA LYS C 194 7.78 9.08 13.48
C LYS C 194 8.78 10.22 13.36
N ALA C 195 8.52 11.18 12.47
CA ALA C 195 9.39 12.35 12.34
C ALA C 195 9.01 13.49 13.29
N PHE C 196 7.72 13.72 13.52
CA PHE C 196 7.26 14.94 14.17
C PHE C 196 6.31 14.68 15.34
N SER C 197 6.33 13.49 15.92
CA SER C 197 5.37 13.17 16.97
C SER C 197 5.64 14.01 18.21
N PRO C 198 4.63 14.69 18.76
CA PRO C 198 4.80 15.39 20.04
C PRO C 198 4.66 14.47 21.24
N THR C 199 4.31 13.21 21.03
CA THR C 199 4.13 12.29 22.15
C THR C 199 5.44 12.05 22.87
N THR C 200 5.51 12.47 24.13
CA THR C 200 6.71 12.29 24.94
C THR C 200 6.64 10.95 25.65
N VAL C 201 7.77 10.25 25.66
CA VAL C 201 7.90 8.96 26.33
C VAL C 201 8.84 9.17 27.51
N ASN C 202 8.27 9.35 28.70
CA ASN C 202 9.07 9.60 29.89
C ASN C 202 9.81 8.32 30.30
N THR C 203 11.03 8.51 30.80
CA THR C 203 11.87 7.40 31.24
C THR C 203 12.75 7.91 32.38
N GLY C 204 13.81 7.16 32.68
CA GLY C 204 14.73 7.59 33.73
C GLY C 204 15.41 8.91 33.42
N ARG C 205 15.62 9.20 32.14
CA ARG C 205 16.26 10.45 31.75
C ARG C 205 15.29 11.62 31.89
N GLY C 206 14.17 11.57 31.18
CA GLY C 206 13.19 12.64 31.24
C GLY C 206 12.30 12.61 30.01
N MET C 207 11.81 13.78 29.63
CA MET C 207 10.95 13.89 28.46
C MET C 207 11.72 13.52 27.20
N GLU C 208 11.08 12.72 26.35
CA GLU C 208 11.69 12.29 25.09
C GLU C 208 10.57 12.21 24.06
N PHE C 209 10.51 13.19 23.16
CA PHE C 209 9.48 13.19 22.13
C PHE C 209 9.68 11.99 21.20
N GLU C 210 8.58 11.34 20.84
CA GLU C 210 8.65 10.16 19.99
C GLU C 210 9.02 10.51 18.56
N GLY C 211 8.90 11.78 18.17
CA GLY C 211 9.31 12.21 16.85
C GLY C 211 10.78 12.59 16.84
N ALA C 212 11.48 12.16 15.79
CA ALA C 212 12.93 12.33 15.73
C ALA C 212 13.34 13.79 15.70
N ILE C 213 12.68 14.59 14.86
CA ILE C 213 13.07 16.00 14.72
C ILE C 213 12.69 16.79 15.97
N ILE C 214 11.51 16.55 16.52
CA ILE C 214 11.12 17.21 17.76
C ILE C 214 12.05 16.81 18.88
N ALA C 215 12.46 15.53 18.93
CA ALA C 215 13.42 15.09 19.92
C ALA C 215 14.76 15.78 19.74
N LEU C 216 15.21 15.94 18.49
CA LEU C 216 16.46 16.63 18.22
C LEU C 216 16.42 18.05 18.77
N PHE C 217 15.35 18.78 18.45
CA PHE C 217 15.21 20.16 18.93
C PHE C 217 15.15 20.21 20.45
N HIS C 218 14.41 19.30 21.06
CA HIS C 218 14.30 19.27 22.52
C HIS C 218 15.64 18.99 23.18
N LEU C 219 16.39 18.02 22.66
CA LEU C 219 17.68 17.68 23.26
C LEU C 219 18.68 18.81 23.07
N LEU C 220 18.66 19.47 21.91
CA LEU C 220 19.54 20.62 21.71
C LEU C 220 19.19 21.76 22.64
N ALA C 221 17.91 22.00 22.86
CA ALA C 221 17.50 23.14 23.69
C ALA C 221 17.72 22.88 25.18
N THR C 222 17.52 21.64 25.64
CA THR C 222 17.51 21.37 27.08
C THR C 222 18.87 20.90 27.60
N ARG C 223 19.38 19.80 27.07
CA ARG C 223 20.63 19.21 27.57
C ARG C 223 21.84 20.09 27.43
N THR C 224 22.69 20.11 28.45
CA THR C 224 23.88 20.95 28.45
C THR C 224 24.94 20.45 27.49
N ASP C 225 25.19 19.13 27.45
CA ASP C 225 26.21 18.55 26.60
C ASP C 225 25.65 18.35 25.19
N LYS C 226 25.83 19.40 24.37
CA LYS C 226 25.25 19.46 23.04
C LYS C 226 25.69 18.30 22.14
N VAL C 227 26.97 17.92 22.23
CA VAL C 227 27.45 16.80 21.42
C VAL C 227 26.78 15.50 21.83
N ARG C 228 26.62 15.29 23.14
CA ARG C 228 25.88 14.12 23.61
C ARG C 228 24.43 14.16 23.14
N ALA C 229 23.81 15.34 23.15
CA ALA C 229 22.44 15.47 22.68
C ALA C 229 22.34 15.11 21.21
N LEU C 230 23.27 15.60 20.39
CA LEU C 230 23.24 15.29 18.96
C LEU C 230 23.46 13.79 18.71
N ARG C 231 24.42 13.19 19.37
CA ARG C 231 24.65 11.80 19.11
C ARG C 231 23.48 10.99 19.59
N GLU C 232 22.89 11.33 20.72
CA GLU C 232 21.69 10.62 21.16
C GLU C 232 20.59 10.75 20.12
N ALA C 233 20.25 11.98 19.72
CA ALA C 233 19.18 12.20 18.75
C ALA C 233 19.45 11.49 17.43
N PHE C 234 20.71 11.25 17.08
CA PHE C 234 21.01 10.54 15.86
C PHE C 234 21.00 9.02 16.03
N TYR C 235 21.40 8.51 17.20
CA TYR C 235 21.47 7.07 17.42
C TYR C 235 20.63 6.62 18.61
N ARG C 236 19.42 7.18 18.78
CA ARG C 236 18.46 6.59 19.70
C ARG C 236 18.13 5.17 19.30
N GLN C 237 18.14 4.26 20.27
CA GLN C 237 17.73 2.88 20.04
C GLN C 237 16.40 2.54 20.71
N ASN C 238 15.73 3.53 21.30
CA ASN C 238 14.43 3.34 21.92
C ASN C 238 13.30 4.01 21.14
N LEU C 239 13.62 5.03 20.34
CA LEU C 239 12.66 5.82 19.60
C LEU C 239 13.23 6.07 18.20
N PRO C 240 12.46 6.71 17.30
CA PRO C 240 13.00 6.97 15.96
C PRO C 240 14.30 7.77 15.98
N ASN C 241 15.21 7.40 15.08
CA ASN C 241 16.50 8.05 14.92
C ASN C 241 16.38 9.23 13.96
N LEU C 242 17.43 10.05 13.92
CA LEU C 242 17.63 10.93 12.78
C LEU C 242 18.34 10.21 11.64
N MET C 243 19.18 9.22 11.97
CA MET C 243 19.71 8.34 10.93
C MET C 243 18.60 7.59 10.21
N ASN C 244 17.51 7.26 10.92
CA ASN C 244 16.41 6.57 10.27
C ASN C 244 15.72 7.44 9.23
N LEU C 245 15.47 8.72 9.56
CA LEU C 245 14.92 9.63 8.56
C LEU C 245 15.92 9.91 7.44
N ILE C 246 17.21 10.00 7.77
CA ILE C 246 18.20 10.20 6.71
C ILE C 246 18.20 9.02 5.75
N ALA C 247 18.11 7.80 6.29
CA ALA C 247 18.03 6.61 5.44
C ALA C 247 16.74 6.59 4.65
N THR C 248 15.63 7.03 5.26
CA THR C 248 14.36 7.10 4.53
C THR C 248 14.46 8.05 3.35
N ILE C 249 15.06 9.22 3.55
CA ILE C 249 15.22 10.18 2.46
C ILE C 249 16.16 9.62 1.39
N PHE C 250 17.24 8.96 1.81
CA PHE C 250 18.17 8.39 0.84
C PHE C 250 17.50 7.31 0.00
N VAL C 251 16.71 6.45 0.63
CA VAL C 251 16.02 5.39 -0.11
C VAL C 251 14.95 6.00 -0.99
N PHE C 252 14.27 7.05 -0.53
CA PHE C 252 13.35 7.79 -1.39
C PHE C 252 14.06 8.25 -2.66
N ALA C 253 15.23 8.86 -2.50
CA ALA C 253 15.98 9.37 -3.65
C ALA C 253 16.40 8.23 -4.58
N VAL C 254 16.87 7.12 -4.02
CA VAL C 254 17.33 6.02 -4.85
C VAL C 254 16.17 5.40 -5.62
N VAL C 255 15.02 5.21 -4.97
CA VAL C 255 13.87 4.64 -5.65
C VAL C 255 13.34 5.60 -6.71
N ILE C 256 13.38 6.91 -6.44
CA ILE C 256 12.98 7.90 -7.43
C ILE C 256 13.90 7.83 -8.64
N TYR C 257 15.20 7.72 -8.41
CA TYR C 257 16.15 7.60 -9.51
C TYR C 257 15.89 6.35 -10.33
N PHE C 258 15.75 5.20 -9.67
CA PHE C 258 15.59 3.94 -10.39
C PHE C 258 14.21 3.78 -11.01
N GLN C 259 13.23 4.57 -10.59
CA GLN C 259 11.91 4.50 -11.20
C GLN C 259 11.78 5.32 -12.46
N GLY C 260 12.67 6.28 -12.67
CA GLY C 260 12.72 7.02 -13.91
C GLY C 260 13.43 6.32 -15.03
N PHE C 261 14.02 5.15 -14.77
CA PHE C 261 14.60 4.35 -15.83
C PHE C 261 13.52 3.88 -16.79
N ARG C 262 13.81 3.97 -18.08
CA ARG C 262 12.85 3.52 -19.08
C ARG C 262 13.59 3.20 -20.36
N TYR C 263 13.04 2.25 -21.11
CA TYR C 263 13.51 1.96 -22.46
C TYR C 263 12.53 2.62 -23.43
N GLU C 264 13.06 3.50 -24.27
CA GLU C 264 12.23 4.32 -25.16
C GLU C 264 12.25 3.71 -26.56
N LEU C 265 11.19 2.99 -26.89
CA LEU C 265 11.05 2.43 -28.23
C LEU C 265 10.54 3.49 -29.20
N PRO C 266 11.26 3.75 -30.30
CA PRO C 266 10.76 4.71 -31.28
C PRO C 266 9.66 4.13 -32.15
N ILE C 267 8.43 4.16 -31.67
CA ILE C 267 7.32 3.55 -32.40
C ILE C 267 6.81 4.50 -33.47
N ARG C 268 6.67 3.98 -34.69
CA ARG C 268 6.08 4.67 -35.82
C ARG C 268 4.68 4.12 -36.08
N SER C 269 3.91 4.82 -36.90
CA SER C 269 2.55 4.43 -37.22
C SER C 269 2.42 4.12 -38.70
N THR C 270 1.66 3.07 -39.01
CA THR C 270 1.44 2.64 -40.38
C THR C 270 0.02 2.92 -40.88
N LYS C 271 -0.99 2.73 -40.03
CA LYS C 271 -2.37 2.98 -40.44
C LYS C 271 -2.57 4.44 -40.82
N VAL C 272 -2.18 5.35 -39.93
CA VAL C 272 -2.19 6.78 -40.22
C VAL C 272 -0.76 7.29 -40.05
N ARG C 273 -0.27 8.03 -41.04
CA ARG C 273 1.12 8.43 -41.08
C ARG C 273 1.35 9.68 -40.23
N GLY C 274 2.63 9.99 -40.03
CA GLY C 274 3.02 11.27 -39.44
C GLY C 274 2.63 11.48 -37.99
N GLN C 275 2.78 10.45 -37.16
CA GLN C 275 2.59 10.58 -35.72
C GLN C 275 3.71 9.83 -34.98
N ILE C 276 4.96 10.13 -35.38
CA ILE C 276 6.12 9.53 -34.73
C ILE C 276 6.03 9.70 -33.23
N GLY C 277 6.30 8.63 -32.49
CA GLY C 277 6.20 8.68 -31.05
C GLY C 277 7.21 7.82 -30.32
N ILE C 278 7.06 7.73 -29.01
CA ILE C 278 7.93 6.95 -28.14
C ILE C 278 7.07 6.08 -27.24
N TYR C 279 7.37 4.79 -27.19
CA TYR C 279 6.71 3.89 -26.25
C TYR C 279 7.70 3.52 -25.15
N PRO C 280 7.52 4.01 -23.93
CA PRO C 280 8.51 3.74 -22.88
C PRO C 280 8.24 2.42 -22.15
N ILE C 281 9.26 1.57 -22.11
CA ILE C 281 9.21 0.33 -21.33
C ILE C 281 10.00 0.59 -20.06
N LYS C 282 9.29 0.85 -18.97
CA LYS C 282 9.93 1.19 -17.71
C LYS C 282 10.71 0.00 -17.17
N LEU C 283 11.78 0.30 -16.43
CA LEU C 283 12.47 -0.75 -15.68
C LEU C 283 11.54 -1.37 -14.65
N PHE C 284 10.87 -0.53 -13.86
CA PHE C 284 9.83 -0.99 -12.93
C PHE C 284 8.56 -1.26 -13.74
N TYR C 285 8.62 -2.33 -14.55
CA TYR C 285 7.55 -2.60 -15.50
C TYR C 285 6.22 -2.84 -14.78
N THR C 286 6.25 -3.59 -13.69
CA THR C 286 5.09 -3.77 -12.81
C THR C 286 5.32 -2.91 -11.58
N SER C 287 4.69 -1.75 -11.53
CA SER C 287 4.91 -0.79 -10.46
C SER C 287 4.40 -1.34 -9.14
N ASN C 288 5.33 -1.71 -8.26
CA ASN C 288 5.09 -2.13 -6.89
C ASN C 288 4.15 -3.33 -6.77
N ILE C 289 3.80 -3.94 -7.91
CA ILE C 289 3.05 -5.20 -7.86
C ILE C 289 3.87 -6.31 -7.23
N PRO C 290 5.15 -6.51 -7.56
CA PRO C 290 5.93 -7.52 -6.82
C PRO C 290 5.98 -7.25 -5.34
N ILE C 291 6.10 -5.99 -4.93
CA ILE C 291 6.11 -5.65 -3.51
C ILE C 291 4.77 -5.97 -2.87
N ILE C 292 3.67 -5.62 -3.54
CA ILE C 292 2.35 -5.89 -2.99
C ILE C 292 2.14 -7.39 -2.82
N LEU C 293 2.47 -8.17 -3.85
CA LEU C 293 2.28 -9.61 -3.78
C LEU C 293 3.17 -10.25 -2.72
N GLN C 294 4.44 -9.85 -2.67
CA GLN C 294 5.37 -10.40 -1.69
C GLN C 294 4.93 -10.06 -0.27
N SER C 295 4.51 -8.81 -0.04
CA SER C 295 4.06 -8.41 1.28
C SER C 295 2.77 -9.12 1.67
N ALA C 296 1.85 -9.30 0.72
CA ALA C 296 0.62 -10.03 1.02
C ALA C 296 0.93 -11.47 1.39
N LEU C 297 1.83 -12.12 0.63
CA LEU C 297 2.22 -13.49 0.95
C LEU C 297 2.84 -13.58 2.34
N VAL C 298 3.80 -12.71 2.62
CA VAL C 298 4.52 -12.78 3.89
C VAL C 298 3.61 -12.44 5.05
N SER C 299 2.72 -11.45 4.88
CA SER C 299 1.81 -11.08 5.96
C SER C 299 0.78 -12.17 6.23
N ASN C 300 0.24 -12.79 5.19
CA ASN C 300 -0.68 -13.90 5.38
C ASN C 300 0.01 -15.06 6.07
N LEU C 301 1.24 -15.38 5.65
CA LEU C 301 1.99 -16.42 6.33
C LEU C 301 2.23 -16.07 7.80
N TYR C 302 2.52 -14.79 8.07
CA TYR C 302 2.79 -14.36 9.43
C TYR C 302 1.56 -14.53 10.32
N VAL C 303 0.40 -14.08 9.84
CA VAL C 303 -0.80 -14.17 10.64
C VAL C 303 -1.22 -15.63 10.82
N ILE C 304 -1.10 -16.44 9.77
CA ILE C 304 -1.46 -17.85 9.89
C ILE C 304 -0.54 -18.54 10.88
N SER C 305 0.76 -18.26 10.81
CA SER C 305 1.70 -18.88 11.75
C SER C 305 1.43 -18.43 13.17
N GLN C 306 1.09 -17.16 13.37
CA GLN C 306 0.80 -16.67 14.71
C GLN C 306 -0.43 -17.34 15.29
N MET C 307 -1.49 -17.46 14.49
CA MET C 307 -2.68 -18.17 14.98
C MET C 307 -2.39 -19.63 15.27
N LEU C 308 -1.62 -20.29 14.40
CA LEU C 308 -1.32 -21.70 14.61
C LEU C 308 -0.46 -21.89 15.86
N SER C 309 0.51 -21.01 16.08
CA SER C 309 1.32 -21.09 17.30
C SER C 309 0.49 -20.84 18.54
N ALA C 310 -0.44 -19.89 18.47
CA ALA C 310 -1.30 -19.61 19.62
C ALA C 310 -2.20 -20.79 19.95
N ARG C 311 -2.86 -21.36 18.95
CA ARG C 311 -3.78 -22.46 19.20
C ARG C 311 -3.06 -23.80 19.26
N PHE C 312 -2.42 -24.21 18.17
CA PHE C 312 -1.81 -25.53 18.07
C PHE C 312 -0.31 -25.39 18.29
N SER C 313 0.08 -25.23 19.54
CA SER C 313 1.48 -25.09 19.90
C SER C 313 2.11 -26.46 20.19
N GLY C 314 3.39 -26.58 19.89
CA GLY C 314 4.12 -27.81 20.08
C GLY C 314 4.12 -28.75 18.90
N ASN C 315 3.32 -28.48 17.87
CA ASN C 315 3.30 -29.31 16.69
C ASN C 315 4.57 -29.11 15.86
N LEU C 316 5.03 -30.18 15.22
CA LEU C 316 6.23 -30.10 14.40
C LEU C 316 6.04 -29.16 13.21
N LEU C 317 4.94 -29.35 12.46
CA LEU C 317 4.69 -28.51 11.30
C LEU C 317 4.51 -27.05 11.68
N VAL C 318 3.89 -26.80 12.82
CA VAL C 318 3.77 -25.43 13.32
C VAL C 318 5.15 -24.87 13.65
N SER C 319 6.00 -25.68 14.28
CA SER C 319 7.33 -25.21 14.65
C SER C 319 8.16 -24.85 13.43
N LEU C 320 8.12 -25.69 12.38
CA LEU C 320 8.83 -25.35 11.15
C LEU C 320 8.19 -24.19 10.42
N LEU C 321 6.87 -24.03 10.52
CA LEU C 321 6.21 -22.90 9.87
C LEU C 321 6.68 -21.58 10.47
N GLY C 322 6.78 -21.53 11.79
CA GLY C 322 7.24 -20.33 12.46
C GLY C 322 7.37 -20.49 13.96
N THR C 323 8.24 -19.70 14.58
CA THR C 323 8.41 -19.70 16.02
C THR C 323 8.59 -18.26 16.47
N TRP C 324 7.70 -17.80 17.35
CA TRP C 324 7.64 -16.40 17.74
C TRP C 324 8.09 -16.23 19.18
N SER C 325 8.39 -14.99 19.54
CA SER C 325 8.85 -14.65 20.88
C SER C 325 7.77 -14.94 21.92
N ALA C 335 6.09 -9.07 18.93
CA ALA C 335 6.29 -10.49 18.67
C ALA C 335 6.89 -10.71 17.28
N TYR C 336 8.19 -10.96 17.24
CA TYR C 336 8.90 -11.23 16.00
C TYR C 336 9.29 -12.69 15.91
N PRO C 337 9.38 -13.25 14.70
CA PRO C 337 9.77 -14.65 14.57
C PRO C 337 11.22 -14.87 14.99
N VAL C 338 11.46 -16.03 15.61
CA VAL C 338 12.80 -16.42 16.01
C VAL C 338 13.26 -17.72 15.37
N GLY C 339 12.37 -18.43 14.68
CA GLY C 339 12.72 -19.68 14.02
C GLY C 339 11.62 -20.16 13.11
N GLY C 340 11.96 -20.94 12.09
CA GLY C 340 10.99 -21.48 11.18
C GLY C 340 11.01 -20.74 9.86
N LEU C 341 10.00 -21.03 9.03
CA LEU C 341 9.90 -20.38 7.73
C LEU C 341 9.70 -18.87 7.88
N CYS C 342 8.89 -18.46 8.85
CA CYS C 342 8.60 -17.04 9.01
C CYS C 342 9.80 -16.24 9.52
N TYR C 343 10.78 -16.90 10.13
CA TYR C 343 11.98 -16.18 10.55
C TYR C 343 12.86 -15.83 9.37
N TYR C 344 13.05 -16.77 8.44
CA TYR C 344 13.86 -16.53 7.26
C TYR C 344 13.16 -15.64 6.24
N LEU C 345 11.87 -15.34 6.45
CA LEU C 345 11.12 -14.42 5.60
C LEU C 345 11.01 -13.04 6.23
N SER C 346 11.81 -12.76 7.26
CA SER C 346 11.73 -11.52 8.01
C SER C 346 13.01 -10.70 7.82
N PRO C 347 12.89 -9.40 7.61
CA PRO C 347 14.08 -8.54 7.52
C PRO C 347 14.88 -8.61 8.80
N PRO C 348 16.21 -8.61 8.71
CA PRO C 348 17.03 -8.60 9.93
C PRO C 348 16.80 -7.33 10.73
N GLU C 349 16.94 -7.47 12.06
CA GLU C 349 16.68 -6.34 12.94
C GLU C 349 17.64 -5.18 12.67
N SER C 350 18.91 -5.49 12.44
CA SER C 350 19.91 -4.46 12.14
C SER C 350 21.04 -5.12 11.36
N PHE C 351 22.02 -4.31 10.95
CA PHE C 351 23.18 -4.85 10.27
C PHE C 351 23.99 -5.75 11.20
N GLY C 352 24.01 -5.45 12.49
CA GLY C 352 24.63 -6.35 13.45
C GLY C 352 23.95 -7.70 13.50
N SER C 353 22.63 -7.73 13.32
CA SER C 353 21.92 -8.99 13.21
C SER C 353 22.38 -9.77 11.99
N VAL C 354 22.62 -9.07 10.87
CA VAL C 354 23.17 -9.71 9.68
C VAL C 354 24.55 -10.29 9.99
N LEU C 355 25.38 -9.53 10.70
CA LEU C 355 26.71 -10.02 11.05
C LEU C 355 26.63 -11.26 11.93
N GLU C 356 25.72 -11.27 12.91
CA GLU C 356 25.60 -12.40 13.82
C GLU C 356 25.14 -13.65 13.08
N ASP C 357 24.06 -13.53 12.30
CA ASP C 357 23.53 -14.66 11.53
C ASP C 357 23.59 -14.32 10.04
N PRO C 358 24.61 -14.78 9.32
CA PRO C 358 24.70 -14.44 7.90
C PRO C 358 23.85 -15.33 7.02
N VAL C 359 23.61 -16.56 7.47
CA VAL C 359 22.80 -17.50 6.68
C VAL C 359 21.38 -16.99 6.53
N HIS C 360 20.80 -16.48 7.63
CA HIS C 360 19.45 -15.92 7.56
C HIS C 360 19.41 -14.70 6.65
N ALA C 361 20.44 -13.85 6.71
CA ALA C 361 20.47 -12.67 5.85
C ALA C 361 20.54 -13.08 4.37
N VAL C 362 21.37 -14.07 4.05
CA VAL C 362 21.45 -14.54 2.67
C VAL C 362 20.13 -15.13 2.22
N VAL C 363 19.49 -15.92 3.08
CA VAL C 363 18.20 -16.52 2.72
C VAL C 363 17.16 -15.44 2.50
N TYR C 364 17.12 -14.44 3.37
CA TYR C 364 16.16 -13.34 3.21
C TYR C 364 16.39 -12.57 1.92
N ILE C 365 17.66 -12.26 1.62
CA ILE C 365 17.97 -11.51 0.41
C ILE C 365 17.57 -12.31 -0.83
N VAL C 366 17.93 -13.59 -0.86
CA VAL C 366 17.59 -14.43 -2.01
C VAL C 366 16.09 -14.55 -2.15
N PHE C 367 15.38 -14.76 -1.04
CA PHE C 367 13.93 -14.87 -1.10
C PHE C 367 13.31 -13.60 -1.63
N MET C 368 13.74 -12.44 -1.12
CA MET C 368 13.15 -11.18 -1.54
C MET C 368 13.37 -10.95 -3.04
N LEU C 369 14.63 -11.08 -3.49
CA LEU C 369 14.93 -10.84 -4.90
C LEU C 369 14.19 -11.83 -5.80
N GLY C 370 14.29 -13.11 -5.50
CA GLY C 370 13.66 -14.11 -6.35
C GLY C 370 12.15 -14.01 -6.37
N SER C 371 11.53 -13.80 -5.21
CA SER C 371 10.08 -13.66 -5.15
C SER C 371 9.62 -12.43 -5.91
N CYS C 372 10.31 -11.31 -5.76
CA CYS C 372 9.91 -10.12 -6.50
C CYS C 372 10.06 -10.32 -8.00
N ALA C 373 11.16 -10.92 -8.45
CA ALA C 373 11.32 -11.18 -9.88
C ALA C 373 10.26 -12.13 -10.42
N PHE C 374 9.99 -13.21 -9.68
CA PHE C 374 8.98 -14.17 -10.10
C PHE C 374 7.60 -13.54 -10.15
N PHE C 375 7.27 -12.74 -9.15
CA PHE C 375 5.97 -12.06 -9.14
C PHE C 375 5.87 -11.08 -10.30
N SER C 376 6.97 -10.39 -10.64
CA SER C 376 6.94 -9.45 -11.74
C SER C 376 6.67 -10.16 -13.06
N LYS C 377 7.40 -11.24 -13.34
CA LYS C 377 7.20 -11.94 -14.60
C LYS C 377 5.82 -12.61 -14.65
N THR C 378 5.38 -13.20 -13.54
CA THR C 378 4.04 -13.78 -13.51
C THR C 378 2.97 -12.72 -13.72
N TRP C 379 3.17 -11.53 -13.17
CA TRP C 379 2.18 -10.48 -13.36
C TRP C 379 2.16 -9.95 -14.78
N ILE C 380 3.31 -9.88 -15.45
CA ILE C 380 3.24 -9.48 -16.85
C ILE C 380 2.57 -10.57 -17.69
N GLU C 381 2.71 -11.83 -17.28
CA GLU C 381 2.02 -12.89 -18.00
C GLU C 381 0.52 -12.96 -17.69
N VAL C 382 0.09 -12.44 -16.54
CA VAL C 382 -1.30 -12.53 -16.12
C VAL C 382 -2.09 -11.28 -16.48
N SER C 383 -1.57 -10.10 -16.16
CA SER C 383 -2.30 -8.84 -16.27
C SER C 383 -2.46 -8.36 -17.72
N GLY C 384 -1.82 -9.02 -18.68
CA GLY C 384 -1.94 -8.61 -20.06
C GLY C 384 -0.92 -7.60 -20.53
N SER C 385 0.25 -7.54 -19.89
CA SER C 385 1.34 -6.68 -20.33
C SER C 385 2.51 -7.49 -20.87
N SER C 386 2.26 -8.74 -21.27
CA SER C 386 3.28 -9.59 -21.82
C SER C 386 3.67 -9.10 -23.22
N PRO C 387 4.84 -9.50 -23.72
CA PRO C 387 5.25 -9.07 -25.06
C PRO C 387 4.27 -9.46 -26.15
N ARG C 388 3.62 -10.62 -26.04
CA ARG C 388 2.58 -10.98 -27.01
C ARG C 388 1.41 -10.01 -26.96
N ASP C 389 0.99 -9.63 -25.75
CA ASP C 389 -0.11 -8.69 -25.62
C ASP C 389 0.25 -7.31 -26.16
N ILE C 390 1.48 -6.86 -25.90
CA ILE C 390 1.90 -5.55 -26.40
C ILE C 390 2.04 -5.59 -27.93
N ALA C 391 2.52 -6.70 -28.47
CA ALA C 391 2.58 -6.85 -29.92
C ALA C 391 1.19 -6.84 -30.54
N LYS C 392 0.22 -7.48 -29.89
CA LYS C 392 -1.15 -7.43 -30.38
C LYS C 392 -1.71 -6.01 -30.31
N GLN C 393 -1.38 -5.27 -29.24
CA GLN C 393 -1.80 -3.88 -29.17
C GLN C 393 -1.20 -3.06 -30.30
N PHE C 394 0.08 -3.28 -30.59
CA PHE C 394 0.73 -2.58 -31.69
C PHE C 394 0.06 -2.90 -33.02
N LYS C 395 -0.26 -4.18 -33.24
CA LYS C 395 -0.94 -4.56 -34.48
C LYS C 395 -2.32 -3.93 -34.57
N ASP C 396 -3.06 -3.91 -33.47
CA ASP C 396 -4.40 -3.31 -33.47
C ASP C 396 -4.34 -1.82 -33.75
N GLN C 397 -3.38 -1.12 -33.16
CA GLN C 397 -3.23 0.32 -33.39
C GLN C 397 -2.40 0.63 -34.63
N GLY C 398 -1.89 -0.38 -35.32
CA GLY C 398 -1.09 -0.15 -36.51
C GLY C 398 0.21 0.56 -36.24
N MET C 399 0.87 0.22 -35.14
CA MET C 399 2.11 0.87 -34.73
C MET C 399 3.27 -0.06 -35.00
N VAL C 400 4.39 0.50 -35.49
CA VAL C 400 5.59 -0.26 -35.77
C VAL C 400 6.78 0.46 -35.15
N ILE C 401 7.87 -0.28 -34.98
CA ILE C 401 9.11 0.28 -34.49
C ILE C 401 9.83 0.97 -35.65
N ASN C 402 10.48 2.10 -35.36
CA ASN C 402 11.02 2.94 -36.42
C ASN C 402 12.06 2.22 -37.25
N GLY C 403 12.97 1.50 -36.60
CA GLY C 403 14.04 0.84 -37.31
C GLY C 403 13.83 -0.64 -37.54
N LYS C 404 12.60 -1.11 -37.36
CA LYS C 404 12.31 -2.54 -37.49
C LYS C 404 11.15 -2.79 -38.44
N ARG C 405 10.70 -4.03 -38.52
CA ARG C 405 9.61 -4.43 -39.38
C ARG C 405 8.31 -4.52 -38.56
N GLU C 406 7.22 -4.91 -39.22
CA GLU C 406 5.96 -5.13 -38.53
C GLU C 406 5.78 -6.56 -38.03
N THR C 407 6.54 -7.50 -38.57
CA THR C 407 6.52 -8.88 -38.09
C THR C 407 7.57 -9.13 -37.01
N SER C 408 8.56 -8.26 -36.89
CA SER C 408 9.61 -8.40 -35.89
C SER C 408 9.33 -7.60 -34.63
N ILE C 409 8.14 -7.01 -34.51
CA ILE C 409 7.79 -6.26 -33.30
C ILE C 409 7.74 -7.19 -32.09
N TYR C 410 7.15 -8.37 -32.26
CA TYR C 410 7.04 -9.30 -31.15
C TYR C 410 8.42 -9.78 -30.69
N ARG C 411 9.35 -9.94 -31.62
CA ARG C 411 10.70 -10.35 -31.23
C ARG C 411 11.39 -9.27 -30.41
N GLU C 412 11.25 -8.00 -30.81
CA GLU C 412 11.83 -6.91 -30.04
C GLU C 412 11.20 -6.83 -28.65
N LEU C 413 9.88 -6.98 -28.57
CA LEU C 413 9.22 -6.94 -27.27
C LEU C 413 9.62 -8.13 -26.41
N LYS C 414 9.83 -9.30 -27.02
CA LYS C 414 10.30 -10.44 -26.26
C LYS C 414 11.73 -10.23 -25.76
N LYS C 415 12.53 -9.48 -26.52
CA LYS C 415 13.87 -9.13 -26.04
C LYS C 415 13.80 -8.20 -24.83
N ILE C 416 12.93 -7.19 -24.89
CA ILE C 416 12.95 -6.13 -23.88
C ILE C 416 12.06 -6.43 -22.69
N ILE C 417 10.76 -6.62 -22.92
CA ILE C 417 9.78 -6.61 -21.83
C ILE C 417 10.01 -7.71 -20.79
N PRO C 418 10.26 -8.97 -21.16
CA PRO C 418 10.47 -9.98 -20.10
C PRO C 418 11.66 -9.69 -19.22
N THR C 419 12.80 -9.36 -19.81
CA THR C 419 13.97 -8.98 -19.03
C THR C 419 13.70 -7.72 -18.22
N ALA C 420 12.97 -6.76 -18.80
CA ALA C 420 12.65 -5.55 -18.07
C ALA C 420 11.83 -5.85 -16.83
N ALA C 421 10.84 -6.73 -16.95
CA ALA C 421 10.01 -7.09 -15.80
C ALA C 421 10.81 -7.85 -14.75
N ALA C 422 11.62 -8.82 -15.20
CA ALA C 422 12.42 -9.60 -14.25
C ALA C 422 13.38 -8.71 -13.49
N PHE C 423 14.10 -7.84 -14.20
CA PHE C 423 15.06 -6.97 -13.52
C PHE C 423 14.39 -5.86 -12.74
N GLY C 424 13.20 -5.42 -13.14
CA GLY C 424 12.47 -4.46 -12.33
C GLY C 424 12.04 -5.05 -11.01
N GLY C 425 11.53 -6.28 -11.03
CA GLY C 425 11.24 -6.97 -9.79
C GLY C 425 12.48 -7.19 -8.95
N LEU C 426 13.58 -7.59 -9.59
CA LEU C 426 14.83 -7.79 -8.86
C LEU C 426 15.29 -6.49 -8.20
N CYS C 427 15.22 -5.38 -8.94
CA CYS C 427 15.69 -4.10 -8.39
C CYS C 427 14.78 -3.58 -7.31
N ILE C 428 13.46 -3.74 -7.45
CA ILE C 428 12.56 -3.25 -6.42
C ILE C 428 12.69 -4.10 -5.15
N GLY C 429 12.92 -5.40 -5.30
CA GLY C 429 13.23 -6.22 -4.14
C GLY C 429 14.54 -5.84 -3.49
N ALA C 430 15.55 -5.51 -4.32
CA ALA C 430 16.83 -5.06 -3.78
C ALA C 430 16.68 -3.74 -3.02
N LEU C 431 15.84 -2.84 -3.54
CA LEU C 431 15.59 -1.58 -2.85
C LEU C 431 14.87 -1.81 -1.53
N SER C 432 13.92 -2.75 -1.50
CA SER C 432 13.28 -3.10 -0.25
C SER C 432 14.28 -3.67 0.75
N VAL C 433 15.18 -4.54 0.28
CA VAL C 433 16.21 -5.10 1.15
C VAL C 433 17.12 -4.02 1.68
N LEU C 434 17.51 -3.07 0.82
CA LEU C 434 18.39 -1.98 1.23
C LEU C 434 17.71 -1.10 2.28
N ALA C 435 16.43 -0.79 2.07
CA ALA C 435 15.70 0.03 3.04
C ALA C 435 15.56 -0.70 4.37
N ASP C 436 15.34 -2.01 4.33
CA ASP C 436 15.27 -2.78 5.57
C ASP C 436 16.61 -2.81 6.29
N PHE C 437 17.70 -2.95 5.54
CA PHE C 437 19.02 -3.02 6.15
C PHE C 437 19.44 -1.67 6.74
N LEU C 438 19.11 -0.58 6.06
CA LEU C 438 19.44 0.75 6.56
C LEU C 438 18.61 1.16 7.76
N GLY C 439 17.57 0.40 8.10
CA GLY C 439 16.71 0.78 9.21
C GLY C 439 15.86 1.99 8.93
N ALA C 440 15.54 2.25 7.67
CA ALA C 440 14.78 3.43 7.30
C ALA C 440 13.36 3.36 7.87
N ILE C 441 12.79 4.53 8.14
CA ILE C 441 11.44 4.61 8.67
C ILE C 441 10.45 4.09 7.65
N GLY C 442 9.53 3.25 8.11
CA GLY C 442 8.53 2.67 7.24
C GLY C 442 8.94 1.40 6.53
N SER C 443 10.14 0.88 6.81
CA SER C 443 10.63 -0.36 6.22
C SER C 443 10.80 -0.24 4.72
N GLY C 444 11.09 -1.36 4.06
CA GLY C 444 11.24 -1.37 2.62
C GLY C 444 9.91 -1.36 1.89
N THR C 445 8.97 -2.19 2.35
CA THR C 445 7.66 -2.25 1.73
C THR C 445 6.99 -0.89 1.73
N GLY C 446 6.97 -0.23 2.89
CA GLY C 446 6.29 1.05 2.98
C GLY C 446 6.90 2.11 2.08
N ILE C 447 8.23 2.21 2.11
CA ILE C 447 8.93 3.22 1.31
C ILE C 447 8.70 2.98 -0.17
N LEU C 448 8.89 1.73 -0.61
CA LEU C 448 8.71 1.41 -2.03
C LEU C 448 7.28 1.66 -2.48
N LEU C 449 6.31 1.22 -1.68
CA LEU C 449 4.90 1.43 -2.05
C LEU C 449 4.58 2.91 -2.12
N ALA C 450 5.02 3.69 -1.14
CA ALA C 450 4.73 5.12 -1.13
C ALA C 450 5.33 5.80 -2.35
N VAL C 451 6.61 5.53 -2.64
CA VAL C 451 7.25 6.20 -3.77
C VAL C 451 6.60 5.79 -5.08
N THR C 452 6.29 4.51 -5.26
CA THR C 452 5.69 4.07 -6.51
C THR C 452 4.29 4.67 -6.69
N ILE C 453 3.52 4.77 -5.61
CA ILE C 453 2.18 5.34 -5.72
C ILE C 453 2.25 6.83 -6.03
N ILE C 454 3.14 7.56 -5.36
CA ILE C 454 3.28 8.98 -5.66
C ILE C 454 3.78 9.18 -7.08
N TYR C 455 4.61 8.26 -7.58
CA TYR C 455 5.04 8.36 -8.97
C TYR C 455 3.89 8.07 -9.93
N GLN C 456 2.97 7.17 -9.55
CA GLN C 456 1.77 6.98 -10.37
C GLN C 456 0.95 8.25 -10.43
N TYR C 457 0.80 8.94 -9.30
CA TYR C 457 0.08 10.21 -9.29
C TYR C 457 0.79 11.27 -10.12
N PHE C 458 2.13 11.31 -10.06
CA PHE C 458 2.89 12.24 -10.87
C PHE C 458 2.75 11.92 -12.35
N GLU C 459 2.72 10.64 -12.71
CA GLU C 459 2.49 10.24 -14.09
C GLU C 459 1.11 10.68 -14.56
N ILE C 460 0.10 10.55 -13.70
CA ILE C 460 -1.23 11.05 -14.05
C ILE C 460 -1.20 12.55 -14.28
N PHE C 461 -0.49 13.28 -13.42
CA PHE C 461 -0.37 14.72 -13.58
C PHE C 461 0.27 15.10 -14.90
N VAL C 462 1.39 14.44 -15.23
CA VAL C 462 2.09 14.80 -16.47
C VAL C 462 1.28 14.38 -17.70
N LYS C 463 0.53 13.28 -17.61
CA LYS C 463 -0.35 12.90 -18.70
C LYS C 463 -1.42 13.95 -18.93
N GLU C 464 -2.02 14.45 -17.85
CA GLU C 464 -3.04 15.50 -17.99
C GLU C 464 -2.43 16.77 -18.55
N GLN C 465 -1.22 17.12 -18.12
CA GLN C 465 -0.56 18.31 -18.65
C GLN C 465 -0.26 18.16 -20.14
N SER C 466 0.23 16.98 -20.56
CA SER C 466 0.51 16.75 -21.96
C SER C 466 -0.77 16.79 -22.79
N GLU C 467 -1.87 16.28 -22.25
CA GLU C 467 -3.15 16.36 -22.95
C GLU C 467 -3.57 17.81 -23.15
N VAL C 468 -3.40 18.65 -22.13
CA VAL C 468 -3.76 20.06 -22.24
C VAL C 468 -2.81 20.78 -23.18
#